data_4AC3
#
_entry.id   4AC3
#
_cell.length_a   117.090
_cell.length_b   117.090
_cell.length_c   116.619
_cell.angle_alpha   90.00
_cell.angle_beta   90.00
_cell.angle_gamma   120.00
#
_symmetry.space_group_name_H-M   'P 3 2 1'
#
loop_
_entity.id
_entity.type
_entity.pdbx_description
1 polymer 'BIFUNCTIONAL PROTEIN GLMU'
2 non-polymer N-{2,4-DIMETHOXY-5-[(2-PIPERIDIN-1-YLBENZYL)sulfamoyl]phenyl}acetamide
3 non-polymer 'SULFATE ION'
4 water water
#
_entity_poly.entity_id   1
_entity_poly.type   'polypeptide(L)'
_entity_poly.pdbx_seq_one_letter_code
;MSNFAIILAAGKGTRMKSDLPKVLHKVAGISMLEHVFRSVGAIQPEKTVTVVGHKAELVEEVLAEQTEFVTQSEQLGTGH
AVMMTEPILEGLSGHTLVIAGDTPLITGESLKNLIDFHINHKNVATILTAETDNPFGYGRIVRNDNAEVLRIVEQKDATD
FEKQIKEINTGTYVFDNERLFEALKNINTNNAQGEYYITDVIGIFRETGEKVGAYTLKDFDESLGVNDRVALATAESVMR
RRINHKHMVNGVSFVNPEATYIDIDVEIAPEVQIEANVILKGQTKIGAETVLTNGTYVVDSTIGAGAVITNSMIEESSVA
DGVTVGPYAHIRPNSSLGAQVHIGNFVEVKGSSIGENTKAGHLTYIGNCEVGSNVNFGAGTITVNYDGKNKYKTVIGDNV
FVGSNSTIIAPVELGDNSLVGAGSTITKDVPADAIAIGRGRQINKDEYATRLPHHPKNQ
;
_entity_poly.pdbx_strand_id   A
#
loop_
_chem_comp.id
_chem_comp.type
_chem_comp.name
_chem_comp.formula
R83 non-polymer N-{2,4-DIMETHOXY-5-[(2-PIPERIDIN-1-YLBENZYL)sulfamoyl]phenyl}acetamide 'C22 H29 N3 O5 S'
SO4 non-polymer 'SULFATE ION' 'O4 S -2'
#
# COMPACT_ATOMS: atom_id res chain seq x y z
N SER A 2 -13.58 -24.83 17.17
CA SER A 2 -13.05 -23.43 17.31
C SER A 2 -11.60 -23.33 16.85
N ASN A 3 -11.27 -22.26 16.14
CA ASN A 3 -9.88 -21.94 15.75
C ASN A 3 -9.45 -20.70 16.50
N PHE A 4 -8.17 -20.66 16.84
CA PHE A 4 -7.53 -19.48 17.49
C PHE A 4 -6.29 -19.11 16.69
N ALA A 5 -5.83 -17.90 16.78
CA ALA A 5 -4.60 -17.59 16.07
C ALA A 5 -3.69 -16.83 17.01
N ILE A 6 -2.40 -17.09 16.87
CA ILE A 6 -1.33 -16.41 17.68
C ILE A 6 -0.43 -15.83 16.56
N ILE A 7 -0.29 -14.50 16.46
CA ILE A 7 0.62 -13.90 15.47
C ILE A 7 1.90 -13.37 16.18
N LEU A 8 3.07 -13.85 15.76
CA LEU A 8 4.34 -13.37 16.30
C LEU A 8 4.82 -12.07 15.62
N ALA A 9 4.93 -10.99 16.42
CA ALA A 9 5.26 -9.63 15.93
C ALA A 9 6.16 -8.93 16.94
N ALA A 10 6.97 -9.70 17.69
CA ALA A 10 7.74 -9.14 18.78
C ALA A 10 9.13 -8.67 18.33
N GLY A 11 9.61 -9.23 17.20
CA GLY A 11 11.02 -9.11 16.78
C GLY A 11 11.39 -7.76 16.21
N LYS A 12 12.65 -7.39 16.40
CA LYS A 12 13.15 -6.16 15.79
C LYS A 12 13.34 -6.28 14.29
N GLY A 13 14.12 -7.28 13.85
CA GLY A 13 14.69 -7.33 12.44
C GLY A 13 16.04 -6.65 12.21
N THR A 14 17.12 -7.16 12.83
CA THR A 14 18.50 -6.54 12.75
C THR A 14 19.08 -6.30 11.33
N ARG A 15 18.94 -7.29 10.47
CA ARG A 15 19.35 -7.21 9.09
C ARG A 15 18.55 -6.17 8.26
N MET A 16 17.42 -5.68 8.76
CA MET A 16 16.67 -4.61 8.04
C MET A 16 17.43 -3.29 8.12
N LYS A 17 18.32 -3.17 9.11
CA LYS A 17 18.95 -1.87 9.47
C LYS A 17 17.89 -0.79 9.68
N SER A 18 16.99 -1.08 10.58
CA SER A 18 15.86 -0.19 10.70
C SER A 18 15.53 -0.13 12.20
N ASP A 19 14.96 0.97 12.68
CA ASP A 19 14.35 0.93 14.01
C ASP A 19 12.87 0.51 14.06
N LEU A 20 12.18 0.43 12.91
CA LEU A 20 10.86 -0.23 12.88
C LEU A 20 10.78 -1.65 13.42
N PRO A 21 9.63 -2.00 14.00
CA PRO A 21 9.44 -3.37 14.27
C PRO A 21 9.46 -4.04 12.87
N LYS A 22 9.99 -5.26 12.79
CA LYS A 22 10.28 -5.84 11.46
C LYS A 22 8.99 -6.04 10.67
N VAL A 23 7.93 -6.39 11.39
CA VAL A 23 6.66 -6.66 10.73
C VAL A 23 5.92 -5.41 10.22
N LEU A 24 6.40 -4.21 10.56
CA LEU A 24 5.71 -3.00 10.12
C LEU A 24 6.16 -2.52 8.79
N HIS A 25 7.24 -3.07 8.21
CA HIS A 25 7.63 -2.65 6.88
C HIS A 25 6.55 -3.00 5.89
N LYS A 26 6.33 -2.13 4.92
CA LYS A 26 5.19 -2.16 4.06
C LYS A 26 5.47 -3.01 2.85
N VAL A 27 4.44 -3.71 2.37
CA VAL A 27 4.45 -4.34 1.03
C VAL A 27 3.13 -3.89 0.31
N ALA A 28 3.22 -3.33 -0.89
CA ALA A 28 1.99 -2.90 -1.58
C ALA A 28 1.06 -2.05 -0.72
N GLY A 29 1.64 -1.25 0.17
CA GLY A 29 0.88 -0.21 0.85
C GLY A 29 0.48 -0.50 2.25
N ILE A 30 0.67 -1.72 2.74
CA ILE A 30 0.30 -1.99 4.15
C ILE A 30 1.44 -2.81 4.80
N SER A 31 1.46 -2.99 6.13
CA SER A 31 2.64 -3.67 6.75
C SER A 31 2.58 -5.16 6.38
N MET A 32 3.72 -5.85 6.43
CA MET A 32 3.67 -7.34 6.44
C MET A 32 2.67 -7.87 7.46
N LEU A 33 2.62 -7.25 8.63
CA LEU A 33 1.77 -7.75 9.70
C LEU A 33 0.29 -7.74 9.26
N GLU A 34 -0.13 -6.68 8.58
CA GLU A 34 -1.50 -6.60 8.15
C GLU A 34 -1.80 -7.61 7.07
N HIS A 35 -0.85 -7.85 6.19
CA HIS A 35 -1.06 -8.93 5.24
C HIS A 35 -1.32 -10.27 5.96
N VAL A 36 -0.47 -10.60 6.95
CA VAL A 36 -0.63 -11.83 7.73
C VAL A 36 -2.00 -11.86 8.48
N PHE A 37 -2.34 -10.77 9.16
CA PHE A 37 -3.65 -10.60 9.76
C PHE A 37 -4.80 -10.89 8.76
N ARG A 38 -4.73 -10.33 7.54
CA ARG A 38 -5.78 -10.60 6.54
C ARG A 38 -5.88 -12.10 6.21
N SER A 39 -4.75 -12.74 6.00
CA SER A 39 -4.78 -14.16 5.70
C SER A 39 -5.34 -14.97 6.91
N VAL A 40 -4.91 -14.61 8.13
CA VAL A 40 -5.39 -15.27 9.34
C VAL A 40 -6.90 -15.26 9.39
N GLY A 41 -7.52 -14.13 8.99
CA GLY A 41 -9.00 -13.97 9.03
C GLY A 41 -9.74 -15.11 8.31
N ALA A 42 -9.13 -15.73 7.29
CA ALA A 42 -9.79 -16.81 6.55
C ALA A 42 -10.06 -18.02 7.40
N ILE A 43 -9.35 -18.16 8.53
CA ILE A 43 -9.64 -19.29 9.40
C ILE A 43 -10.77 -18.96 10.36
N GLN A 44 -11.27 -17.72 10.31
CA GLN A 44 -12.38 -17.34 11.22
C GLN A 44 -12.06 -17.61 12.69
N PRO A 45 -10.92 -17.07 13.15
CA PRO A 45 -10.46 -17.43 14.49
C PRO A 45 -11.43 -16.85 15.52
N GLU A 46 -11.73 -17.60 16.57
CA GLU A 46 -12.54 -17.04 17.65
C GLU A 46 -11.79 -16.03 18.51
N LYS A 47 -10.46 -16.18 18.58
CA LYS A 47 -9.58 -15.26 19.34
C LYS A 47 -8.30 -15.12 18.52
N THR A 48 -7.79 -13.90 18.44
CA THR A 48 -6.56 -13.62 17.73
C THR A 48 -5.69 -12.90 18.76
N VAL A 49 -4.49 -13.42 19.00
CA VAL A 49 -3.62 -12.80 19.96
C VAL A 49 -2.28 -12.52 19.24
N THR A 50 -1.82 -11.29 19.35
CA THR A 50 -0.58 -10.83 18.73
C THR A 50 0.45 -10.56 19.80
N VAL A 51 1.61 -11.17 19.61
CA VAL A 51 2.65 -11.08 20.60
C VAL A 51 3.59 -9.91 20.21
N VAL A 52 3.68 -8.88 21.08
CA VAL A 52 4.51 -7.69 20.77
C VAL A 52 5.73 -7.61 21.67
N GLY A 53 6.73 -6.83 21.27
CA GLY A 53 8.02 -6.82 22.03
C GLY A 53 8.70 -5.51 21.73
N HIS A 54 9.52 -5.47 20.68
CA HIS A 54 10.18 -4.27 20.20
C HIS A 54 9.20 -3.22 19.66
N LYS A 55 9.22 -2.04 20.29
CA LYS A 55 8.33 -0.94 19.99
C LYS A 55 6.89 -1.41 19.85
N ALA A 56 6.40 -1.97 20.95
CA ALA A 56 5.14 -2.58 20.99
C ALA A 56 4.10 -1.55 20.60
N GLU A 57 4.29 -0.30 21.02
CA GLU A 57 3.23 0.70 20.76
C GLU A 57 2.97 0.95 19.26
N LEU A 58 4.00 0.82 18.42
CA LEU A 58 3.81 1.07 17.00
C LEU A 58 2.95 -0.05 16.43
N VAL A 59 3.18 -1.29 16.88
CA VAL A 59 2.40 -2.40 16.36
C VAL A 59 1.00 -2.28 16.93
N GLU A 60 0.91 -1.85 18.17
CA GLU A 60 -0.43 -1.79 18.76
C GLU A 60 -1.27 -0.73 18.09
N GLU A 61 -0.68 0.35 17.60
CA GLU A 61 -1.47 1.26 16.73
C GLU A 61 -1.98 0.61 15.40
N VAL A 62 -1.10 -0.09 14.72
CA VAL A 62 -1.51 -0.69 13.46
C VAL A 62 -2.71 -1.62 13.57
N LEU A 63 -2.67 -2.54 14.51
CA LEU A 63 -3.81 -3.47 14.72
C LEU A 63 -4.78 -3.10 15.84
N ALA A 64 -4.71 -1.85 16.29
CA ALA A 64 -5.69 -1.38 17.31
C ALA A 64 -7.11 -1.85 17.00
N GLU A 65 -7.77 -2.37 18.05
CA GLU A 65 -9.14 -2.94 18.01
C GLU A 65 -9.38 -4.22 17.15
N GLN A 66 -8.31 -4.75 16.56
CA GLN A 66 -8.42 -5.94 15.74
C GLN A 66 -7.95 -7.21 16.42
N THR A 67 -7.17 -7.09 17.49
CA THR A 67 -6.53 -8.30 18.08
C THR A 67 -6.36 -8.05 19.55
N GLU A 68 -6.19 -9.12 20.36
CA GLU A 68 -5.65 -8.96 21.76
C GLU A 68 -4.14 -8.88 21.65
N PHE A 69 -3.46 -8.24 22.59
CA PHE A 69 -2.00 -8.17 22.57
C PHE A 69 -1.53 -8.79 23.81
N VAL A 70 -0.36 -9.38 23.70
CA VAL A 70 0.41 -9.72 24.91
C VAL A 70 1.82 -9.32 24.56
N THR A 71 2.66 -9.15 25.58
CA THR A 71 3.99 -8.63 25.40
C THR A 71 5.01 -9.68 25.84
N GLN A 72 6.04 -9.91 25.03
CA GLN A 72 7.22 -10.58 25.59
C GLN A 72 8.32 -9.57 25.83
N SER A 73 8.77 -9.45 27.08
CA SER A 73 9.72 -8.41 27.53
C SER A 73 11.12 -8.53 26.96
N GLU A 74 11.51 -9.73 26.61
CA GLU A 74 12.74 -9.85 25.89
C GLU A 74 12.69 -11.05 25.01
N GLN A 75 13.68 -11.17 24.15
CA GLN A 75 13.70 -12.25 23.18
C GLN A 75 14.19 -13.58 23.77
N LEU A 76 13.28 -14.46 24.17
CA LEU A 76 13.64 -15.76 24.66
C LEU A 76 13.08 -16.90 23.78
N GLY A 77 12.81 -16.54 22.52
CA GLY A 77 12.42 -17.53 21.53
C GLY A 77 10.93 -17.64 21.26
N THR A 78 10.62 -18.36 20.19
CA THR A 78 9.25 -18.59 19.77
C THR A 78 8.41 -19.31 20.82
N GLY A 79 9.03 -20.19 21.61
CA GLY A 79 8.29 -20.96 22.64
C GLY A 79 7.80 -20.01 23.76
N HIS A 80 8.69 -19.11 24.19
CA HIS A 80 8.35 -18.08 25.16
C HIS A 80 7.34 -17.07 24.64
N ALA A 81 7.52 -16.65 23.38
CA ALA A 81 6.57 -15.79 22.69
C ALA A 81 5.18 -16.42 22.87
N VAL A 82 5.06 -17.68 22.49
CA VAL A 82 3.75 -18.30 22.50
C VAL A 82 3.23 -18.43 23.94
N MET A 83 4.13 -18.66 24.86
CA MET A 83 3.78 -18.72 26.30
C MET A 83 3.12 -17.45 26.87
N MET A 84 3.43 -16.31 26.32
CA MET A 84 2.79 -15.08 26.69
C MET A 84 1.33 -15.08 26.36
N THR A 85 0.88 -15.99 25.50
CA THR A 85 -0.52 -16.01 25.12
C THR A 85 -1.29 -16.98 26.05
N GLU A 86 -0.54 -17.70 26.85
CA GLU A 86 -1.17 -18.76 27.69
C GLU A 86 -2.29 -18.28 28.69
N PRO A 87 -2.18 -17.05 29.27
CA PRO A 87 -3.22 -16.58 30.21
C PRO A 87 -4.54 -16.35 29.50
N ILE A 88 -4.47 -16.07 28.20
CA ILE A 88 -5.62 -15.93 27.36
C ILE A 88 -6.09 -17.27 26.83
N LEU A 89 -5.19 -18.17 26.37
CA LEU A 89 -5.62 -19.33 25.57
C LEU A 89 -5.65 -20.64 26.34
N GLU A 90 -4.97 -20.67 27.48
CA GLU A 90 -4.84 -21.90 28.31
C GLU A 90 -6.17 -22.67 28.43
N GLY A 91 -6.15 -23.98 28.12
CA GLY A 91 -7.27 -24.86 28.48
C GLY A 91 -8.46 -24.83 27.53
N LEU A 92 -8.46 -23.91 26.58
CA LEU A 92 -9.55 -23.84 25.61
C LEU A 92 -9.44 -24.94 24.59
N SER A 93 -10.58 -25.48 24.23
CA SER A 93 -10.65 -26.53 23.27
C SER A 93 -10.64 -26.00 21.83
N GLY A 94 -9.69 -26.46 20.99
CA GLY A 94 -9.67 -25.94 19.59
C GLY A 94 -8.38 -26.13 18.83
N HIS A 95 -8.25 -25.42 17.71
CA HIS A 95 -7.09 -25.55 16.84
C HIS A 95 -6.44 -24.18 16.71
N THR A 96 -5.16 -24.13 17.01
CA THR A 96 -4.47 -22.88 17.16
C THR A 96 -3.35 -22.79 16.11
N LEU A 97 -3.56 -21.83 15.23
CA LEU A 97 -2.53 -21.43 14.27
C LEU A 97 -1.49 -20.57 15.01
N VAL A 98 -0.20 -20.85 14.78
CA VAL A 98 0.91 -20.02 15.18
C VAL A 98 1.61 -19.54 13.92
N ILE A 99 1.71 -18.24 13.71
CA ILE A 99 2.26 -17.75 12.40
C ILE A 99 3.04 -16.49 12.68
N ALA A 100 4.11 -16.22 11.95
CA ALA A 100 4.90 -15.03 12.23
C ALA A 100 4.38 -13.83 11.40
N GLY A 101 4.47 -12.61 11.93
CA GLY A 101 4.09 -11.39 11.15
C GLY A 101 5.02 -11.09 9.98
N ASP A 102 5.99 -11.97 9.72
CA ASP A 102 6.94 -11.62 8.66
C ASP A 102 6.84 -12.57 7.47
N THR A 103 5.73 -13.27 7.32
CA THR A 103 5.54 -14.12 6.19
C THR A 103 4.34 -13.59 5.47
N PRO A 104 4.49 -12.47 4.74
CA PRO A 104 3.31 -11.75 4.21
C PRO A 104 2.70 -12.31 2.91
N LEU A 105 3.30 -13.33 2.32
CA LEU A 105 2.75 -13.92 1.07
C LEU A 105 1.82 -15.12 1.29
N ILE A 106 1.77 -15.61 2.54
CA ILE A 106 0.97 -16.78 2.85
C ILE A 106 -0.47 -16.36 2.68
N THR A 107 -1.27 -17.16 2.00
CA THR A 107 -2.61 -16.74 1.68
C THR A 107 -3.65 -17.31 2.67
N GLY A 108 -4.81 -16.68 2.76
CA GLY A 108 -5.88 -17.25 3.58
C GLY A 108 -6.37 -18.61 3.07
N GLU A 109 -6.27 -18.83 1.75
CA GLU A 109 -6.62 -20.14 1.18
C GLU A 109 -5.61 -21.18 1.70
N SER A 110 -4.35 -20.80 1.77
CA SER A 110 -3.38 -21.77 2.30
C SER A 110 -3.61 -22.06 3.77
N LEU A 111 -3.92 -21.03 4.56
CA LEU A 111 -4.19 -21.24 5.99
C LEU A 111 -5.41 -22.13 6.26
N LYS A 112 -6.45 -21.93 5.45
CA LYS A 112 -7.67 -22.76 5.56
C LYS A 112 -7.37 -24.17 5.13
N ASN A 113 -6.60 -24.38 4.05
CA ASN A 113 -6.25 -25.76 3.72
C ASN A 113 -5.40 -26.39 4.81
N LEU A 114 -4.61 -25.56 5.52
CA LEU A 114 -3.74 -26.06 6.59
C LEU A 114 -4.58 -26.56 7.80
N ILE A 115 -5.50 -25.70 8.26
CA ILE A 115 -6.46 -25.98 9.33
C ILE A 115 -7.34 -27.18 9.01
N ASP A 116 -7.85 -27.25 7.79
CA ASP A 116 -8.70 -28.38 7.38
C ASP A 116 -7.91 -29.65 7.40
N PHE A 117 -6.66 -29.61 6.91
CA PHE A 117 -5.79 -30.78 6.89
C PHE A 117 -5.59 -31.30 8.33
N HIS A 118 -5.27 -30.35 9.22
CA HIS A 118 -5.12 -30.62 10.61
C HIS A 118 -6.30 -31.32 11.21
N ILE A 119 -7.48 -30.70 11.11
CA ILE A 119 -8.72 -31.21 11.68
C ILE A 119 -9.02 -32.56 11.03
N ASN A 120 -9.02 -32.61 9.69
CA ASN A 120 -9.30 -33.87 8.99
C ASN A 120 -8.40 -35.07 9.35
N HIS A 121 -7.12 -34.86 9.63
CA HIS A 121 -6.25 -35.97 10.01
C HIS A 121 -6.08 -36.09 11.50
N LYS A 122 -6.92 -35.38 12.26
CA LYS A 122 -6.82 -35.33 13.73
C LYS A 122 -5.35 -35.37 14.16
N ASN A 123 -4.56 -34.44 13.63
CA ASN A 123 -3.20 -34.27 14.10
C ASN A 123 -3.26 -33.57 15.49
N VAL A 124 -2.25 -33.79 16.30
CA VAL A 124 -2.03 -32.97 17.50
C VAL A 124 -1.22 -31.71 17.15
N ALA A 125 -0.38 -31.82 16.10
CA ALA A 125 0.38 -30.69 15.52
C ALA A 125 0.46 -30.91 14.04
N THR A 126 0.27 -29.84 13.28
CA THR A 126 0.55 -29.80 11.82
C THR A 126 1.53 -28.68 11.50
N ILE A 127 2.62 -29.05 10.85
CA ILE A 127 3.63 -28.09 10.40
C ILE A 127 3.23 -27.72 8.98
N LEU A 128 3.20 -26.42 8.69
CA LEU A 128 3.03 -25.96 7.29
C LEU A 128 4.42 -26.11 6.71
N THR A 129 4.61 -26.97 5.70
CA THR A 129 5.96 -27.14 5.14
C THR A 129 6.01 -26.61 3.67
N ALA A 130 7.19 -26.58 3.11
CA ALA A 130 7.28 -26.30 1.70
C ALA A 130 8.50 -27.06 1.15
N GLU A 131 8.66 -27.09 -0.18
CA GLU A 131 9.72 -27.88 -0.83
C GLU A 131 10.55 -27.03 -1.71
N THR A 132 11.84 -27.09 -1.49
CA THR A 132 12.76 -26.32 -2.31
C THR A 132 13.98 -27.17 -2.67
N ASP A 133 14.51 -26.90 -3.87
CA ASP A 133 15.78 -27.46 -4.31
C ASP A 133 17.00 -26.93 -3.56
N ASN A 134 16.88 -25.81 -2.84
CA ASN A 134 18.02 -25.27 -2.06
C ASN A 134 17.64 -25.13 -0.60
N PRO A 135 17.59 -26.26 0.14
CA PRO A 135 17.09 -26.22 1.51
C PRO A 135 18.11 -25.75 2.55
N PHE A 136 19.33 -25.39 2.11
CA PHE A 136 20.38 -25.05 3.07
C PHE A 136 19.88 -23.97 4.02
N GLY A 137 19.92 -24.24 5.31
CA GLY A 137 19.56 -23.20 6.27
C GLY A 137 18.31 -23.51 7.06
N TYR A 138 17.39 -24.26 6.43
CA TYR A 138 16.05 -24.58 6.96
C TYR A 138 15.98 -25.89 7.73
N GLY A 139 15.07 -25.97 8.70
CA GLY A 139 14.80 -27.21 9.41
C GLY A 139 14.21 -28.18 8.42
N ARG A 140 14.73 -29.40 8.37
CA ARG A 140 14.24 -30.35 7.41
C ARG A 140 13.15 -31.15 8.05
N ILE A 141 12.19 -31.57 7.25
CA ILE A 141 11.15 -32.38 7.75
C ILE A 141 11.48 -33.87 7.56
N VAL A 142 11.55 -34.62 8.66
CA VAL A 142 11.84 -36.05 8.58
C VAL A 142 10.52 -36.80 8.77
N ARG A 143 10.13 -37.51 7.72
CA ARG A 143 8.92 -38.29 7.77
C ARG A 143 9.24 -39.77 7.77
N ASN A 144 8.43 -40.56 8.46
CA ASN A 144 8.56 -41.99 8.28
C ASN A 144 7.80 -42.43 7.04
N ASP A 145 7.70 -43.73 6.88
CA ASP A 145 7.16 -44.31 5.66
C ASP A 145 5.65 -44.09 5.44
N ASN A 146 4.87 -43.86 6.49
CA ASN A 146 3.43 -43.61 6.35
C ASN A 146 3.22 -42.11 6.21
N ALA A 147 4.35 -41.38 6.23
CA ALA A 147 4.41 -39.93 5.98
C ALA A 147 4.08 -39.06 7.19
N GLU A 148 4.26 -39.61 8.39
CA GLU A 148 4.03 -38.79 9.55
C GLU A 148 5.37 -38.16 9.80
N VAL A 149 5.33 -37.00 10.45
CA VAL A 149 6.52 -36.30 10.81
C VAL A 149 7.13 -37.01 11.98
N LEU A 150 8.42 -37.26 11.88
CA LEU A 150 9.12 -37.80 13.03
C LEU A 150 9.83 -36.71 13.79
N ARG A 151 10.40 -35.75 13.06
CA ARG A 151 11.15 -34.66 13.67
C ARG A 151 11.46 -33.54 12.69
N ILE A 152 12.03 -32.46 13.22
CA ILE A 152 12.42 -31.29 12.47
C ILE A 152 13.87 -31.21 12.84
N VAL A 153 14.74 -31.30 11.83
CA VAL A 153 16.18 -31.25 12.04
C VAL A 153 16.77 -29.97 11.44
N GLU A 154 17.38 -29.19 12.32
CA GLU A 154 18.04 -27.97 11.93
C GLU A 154 19.33 -28.27 11.18
N GLN A 155 19.68 -27.37 10.26
CA GLN A 155 20.87 -27.42 9.41
C GLN A 155 22.10 -27.89 10.15
N LYS A 156 22.46 -27.17 11.20
CA LYS A 156 23.61 -27.50 12.03
C LYS A 156 23.64 -28.98 12.46
N ASP A 157 22.52 -29.50 12.99
CA ASP A 157 22.47 -30.89 13.49
C ASP A 157 22.11 -31.87 12.42
N ALA A 158 22.20 -31.47 11.18
CA ALA A 158 21.79 -32.37 10.14
C ALA A 158 22.90 -33.34 9.71
N THR A 159 22.57 -34.62 9.67
CA THR A 159 23.40 -35.59 8.95
C THR A 159 23.37 -35.29 7.44
N ASP A 160 24.41 -35.75 6.73
CA ASP A 160 24.55 -35.52 5.30
C ASP A 160 23.38 -36.04 4.49
N PHE A 161 22.84 -37.19 4.91
CA PHE A 161 21.64 -37.72 4.23
C PHE A 161 20.46 -36.76 4.46
N GLU A 162 20.37 -36.15 5.65
CA GLU A 162 19.25 -35.26 6.03
C GLU A 162 19.27 -33.95 5.21
N LYS A 163 20.47 -33.37 4.99
CA LYS A 163 20.67 -32.22 4.09
C LYS A 163 20.12 -32.40 2.69
N GLN A 164 20.02 -33.64 2.22
CA GLN A 164 19.37 -33.85 0.91
C GLN A 164 17.87 -33.63 0.99
N ILE A 165 17.26 -33.67 2.19
CA ILE A 165 15.81 -33.43 2.32
C ILE A 165 15.37 -32.04 1.80
N LYS A 166 14.33 -32.05 0.98
CA LYS A 166 13.86 -30.87 0.18
C LYS A 166 12.66 -30.20 0.86
N GLU A 167 12.04 -30.92 1.79
CA GLU A 167 10.83 -30.45 2.42
C GLU A 167 11.22 -29.72 3.69
N ILE A 168 10.89 -28.43 3.80
CA ILE A 168 11.39 -27.59 4.89
C ILE A 168 10.28 -27.07 5.82
N ASN A 169 10.65 -26.68 7.04
CA ASN A 169 9.67 -26.16 8.02
C ASN A 169 9.51 -24.66 7.77
N THR A 170 8.30 -24.21 7.43
CA THR A 170 8.10 -22.79 7.22
C THR A 170 7.99 -21.96 8.51
N GLY A 171 7.77 -22.61 9.66
CA GLY A 171 7.74 -21.89 10.97
C GLY A 171 6.33 -21.45 11.28
N THR A 172 5.37 -22.00 10.53
CA THR A 172 3.95 -21.77 10.75
C THR A 172 3.31 -23.13 11.08
N TYR A 173 2.40 -23.17 12.08
CA TYR A 173 1.90 -24.45 12.61
C TYR A 173 0.42 -24.35 13.05
N VAL A 174 -0.27 -25.48 13.10
CA VAL A 174 -1.54 -25.59 13.79
C VAL A 174 -1.33 -26.61 14.92
N PHE A 175 -1.72 -26.27 16.15
CA PHE A 175 -1.60 -27.17 17.28
C PHE A 175 -2.97 -27.40 17.90
N ASP A 176 -3.22 -28.57 18.47
CA ASP A 176 -4.36 -28.73 19.36
C ASP A 176 -4.11 -27.76 20.50
N ASN A 177 -5.05 -26.86 20.75
CA ASN A 177 -4.78 -25.76 21.71
C ASN A 177 -4.45 -26.23 23.14
N GLU A 178 -5.28 -27.13 23.71
CA GLU A 178 -5.01 -27.67 25.08
C GLU A 178 -3.66 -28.34 25.18
N ARG A 179 -3.33 -29.18 24.20
CA ARG A 179 -2.03 -29.87 24.21
C ARG A 179 -0.87 -28.95 24.02
N LEU A 180 -1.10 -27.91 23.20
CA LEU A 180 -0.07 -26.92 23.02
C LEU A 180 0.44 -26.31 24.36
N PHE A 181 -0.47 -25.80 25.20
CA PHE A 181 -0.05 -25.19 26.47
C PHE A 181 0.44 -26.19 27.56
N GLU A 182 -0.14 -27.40 27.61
CA GLU A 182 0.38 -28.48 28.43
C GLU A 182 1.85 -28.78 28.03
N ALA A 183 2.13 -28.95 26.74
CA ALA A 183 3.49 -29.27 26.33
C ALA A 183 4.40 -28.10 26.60
N LEU A 184 3.96 -26.84 26.34
CA LEU A 184 4.90 -25.73 26.54
C LEU A 184 5.31 -25.56 28.00
N LYS A 185 4.39 -25.86 28.92
CA LYS A 185 4.72 -25.82 30.38
C LYS A 185 5.73 -26.88 30.78
N ASN A 186 5.59 -28.04 30.20
CA ASN A 186 6.62 -29.02 30.34
C ASN A 186 7.98 -28.51 29.91
N ILE A 187 8.11 -28.08 28.65
CA ILE A 187 9.32 -27.45 28.15
C ILE A 187 9.78 -26.30 29.10
N ASN A 188 8.89 -25.32 29.37
CA ASN A 188 9.23 -24.22 30.27
C ASN A 188 9.82 -24.64 31.63
N THR A 189 9.09 -25.46 32.38
CA THR A 189 9.57 -25.92 33.68
C THR A 189 10.92 -26.70 33.55
N ASN A 190 11.19 -27.31 32.39
CA ASN A 190 12.46 -28.02 32.13
C ASN A 190 13.56 -27.21 31.42
N ASN A 191 13.40 -25.88 31.36
CA ASN A 191 14.36 -24.88 30.81
C ASN A 191 14.58 -24.98 29.29
N GLY A 194 18.91 -19.99 27.68
CA GLY A 194 17.63 -19.72 28.32
C GLY A 194 16.46 -19.49 27.32
N GLU A 195 16.74 -19.53 26.01
CA GLU A 195 15.67 -19.50 25.00
C GLU A 195 14.88 -20.82 24.99
N TYR A 196 13.61 -20.78 24.59
CA TYR A 196 12.92 -22.02 24.24
C TYR A 196 12.05 -21.93 23.00
N TYR A 197 11.80 -23.07 22.39
CA TYR A 197 11.38 -23.06 21.01
C TYR A 197 10.07 -23.80 20.80
N ILE A 198 9.25 -23.23 19.94
CA ILE A 198 8.00 -23.84 19.57
C ILE A 198 8.27 -25.23 18.90
N THR A 199 9.36 -25.36 18.16
CA THR A 199 9.77 -26.73 17.66
C THR A 199 9.94 -27.81 18.77
N ASP A 200 10.37 -27.41 19.96
CA ASP A 200 10.42 -28.31 21.15
C ASP A 200 9.11 -29.04 21.41
N VAL A 201 7.97 -28.36 21.24
CA VAL A 201 6.66 -29.01 21.41
C VAL A 201 6.54 -30.23 20.45
N ILE A 202 7.11 -30.16 19.23
CA ILE A 202 7.05 -31.30 18.25
C ILE A 202 7.73 -32.53 18.80
N GLY A 203 8.87 -32.31 19.45
CA GLY A 203 9.62 -33.36 20.10
C GLY A 203 8.88 -33.91 21.30
N ILE A 204 8.18 -33.05 22.06
CA ILE A 204 7.35 -33.58 23.14
C ILE A 204 6.30 -34.52 22.54
N PHE A 205 5.62 -34.11 21.47
CA PHE A 205 4.57 -34.98 20.88
C PHE A 205 5.17 -36.29 20.29
N ARG A 206 6.47 -36.24 19.97
CA ARG A 206 7.14 -37.42 19.48
C ARG A 206 7.46 -38.37 20.63
N GLU A 207 7.80 -37.82 21.81
CA GLU A 207 7.89 -38.65 23.02
C GLU A 207 6.59 -39.34 23.35
N THR A 208 5.46 -38.66 23.27
CA THR A 208 4.17 -39.22 23.66
C THR A 208 3.47 -40.00 22.54
N GLY A 209 4.13 -40.12 21.41
CA GLY A 209 3.53 -40.77 20.26
C GLY A 209 2.26 -40.09 19.77
N GLU A 210 2.02 -38.80 20.08
CA GLU A 210 0.87 -38.13 19.50
C GLU A 210 1.12 -37.74 18.00
N LYS A 211 0.05 -37.64 17.21
CA LYS A 211 0.13 -37.53 15.75
C LYS A 211 0.55 -36.12 15.28
N VAL A 212 1.71 -36.05 14.63
CA VAL A 212 2.21 -34.84 14.05
C VAL A 212 2.17 -35.00 12.52
N GLY A 213 1.66 -33.99 11.83
CA GLY A 213 1.56 -34.08 10.38
C GLY A 213 2.22 -32.89 9.74
N ALA A 214 2.21 -32.86 8.42
CA ALA A 214 2.76 -31.76 7.65
C ALA A 214 1.86 -31.54 6.44
N TYR A 215 1.50 -30.27 6.21
CA TYR A 215 0.72 -29.90 5.07
C TYR A 215 1.64 -29.01 4.20
N THR A 216 1.82 -29.36 2.91
CA THR A 216 2.85 -28.75 2.08
C THR A 216 2.24 -27.67 1.18
N LEU A 217 2.80 -26.45 1.24
CA LEU A 217 2.39 -25.40 0.35
C LEU A 217 2.68 -25.79 -1.08
N LYS A 218 1.69 -25.59 -1.92
CA LYS A 218 1.90 -25.75 -3.39
C LYS A 218 2.95 -24.78 -3.93
N ASP A 219 2.93 -23.54 -3.44
CA ASP A 219 3.89 -22.54 -3.95
C ASP A 219 4.91 -22.13 -2.89
N PHE A 220 6.14 -22.51 -3.11
CA PHE A 220 7.21 -22.19 -2.21
C PHE A 220 7.35 -20.69 -1.83
N ASP A 221 7.09 -19.79 -2.81
CA ASP A 221 7.25 -18.34 -2.55
C ASP A 221 6.39 -17.90 -1.41
N GLU A 222 5.25 -18.57 -1.18
CA GLU A 222 4.39 -18.22 -0.04
C GLU A 222 5.08 -18.38 1.30
N SER A 223 6.10 -19.20 1.36
CA SER A 223 6.69 -19.48 2.65
C SER A 223 7.70 -18.34 3.00
N LEU A 224 7.97 -17.40 2.07
CA LEU A 224 8.95 -16.34 2.33
C LEU A 224 8.85 -15.68 3.74
N GLY A 225 9.92 -15.81 4.51
CA GLY A 225 10.13 -15.09 5.78
C GLY A 225 11.06 -13.91 5.50
N VAL A 226 10.56 -12.72 5.76
CA VAL A 226 11.27 -11.52 5.38
C VAL A 226 12.19 -11.07 6.53
N ASN A 227 13.50 -11.13 6.28
CA ASN A 227 14.49 -10.75 7.28
C ASN A 227 15.37 -9.62 6.85
N ASP A 228 15.28 -9.23 5.58
CA ASP A 228 16.07 -8.07 5.16
C ASP A 228 15.35 -7.38 3.96
N ARG A 229 15.91 -6.30 3.43
CA ARG A 229 15.24 -5.52 2.42
C ARG A 229 15.32 -6.29 1.08
N VAL A 230 16.24 -7.24 0.96
CA VAL A 230 16.25 -8.05 -0.28
C VAL A 230 14.93 -8.84 -0.35
N ALA A 231 14.65 -9.54 0.74
CA ALA A 231 13.45 -10.32 0.85
C ALA A 231 12.19 -9.44 0.86
N LEU A 232 12.22 -8.25 1.49
CA LEU A 232 11.11 -7.34 1.41
C LEU A 232 10.78 -7.02 -0.09
N ALA A 233 11.80 -6.81 -0.96
CA ALA A 233 11.54 -6.50 -2.40
C ALA A 233 11.03 -7.72 -3.16
N THR A 234 11.42 -8.94 -2.74
CA THR A 234 10.84 -10.13 -3.31
C THR A 234 9.34 -10.17 -2.98
N ALA A 235 9.00 -9.91 -1.72
CA ALA A 235 7.60 -9.97 -1.28
C ALA A 235 6.76 -8.96 -2.07
N GLU A 236 7.32 -7.74 -2.22
CA GLU A 236 6.77 -6.70 -3.08
C GLU A 236 6.50 -7.21 -4.51
N SER A 237 7.47 -7.94 -5.08
CA SER A 237 7.30 -8.40 -6.47
C SER A 237 6.19 -9.49 -6.61
N VAL A 238 6.15 -10.42 -5.68
CA VAL A 238 5.12 -11.49 -5.64
C VAL A 238 3.77 -10.85 -5.39
N MET A 239 3.71 -9.91 -4.43
CA MET A 239 2.46 -9.19 -4.17
C MET A 239 1.99 -8.37 -5.36
N ARG A 240 2.88 -7.63 -6.00
CA ARG A 240 2.52 -6.90 -7.20
C ARG A 240 1.85 -7.77 -8.28
N ARG A 241 2.49 -8.86 -8.59
CA ARG A 241 1.99 -9.77 -9.60
C ARG A 241 0.61 -10.30 -9.15
N ARG A 242 0.46 -10.51 -7.82
CA ARG A 242 -0.79 -11.05 -7.30
C ARG A 242 -1.94 -10.02 -7.49
N ILE A 243 -1.73 -8.79 -7.04
CA ILE A 243 -2.67 -7.72 -7.22
C ILE A 243 -2.98 -7.48 -8.69
N ASN A 244 -1.97 -7.41 -9.55
CA ASN A 244 -2.29 -6.98 -10.88
C ASN A 244 -2.97 -8.14 -11.64
N HIS A 245 -2.65 -9.38 -11.30
CA HIS A 245 -3.40 -10.48 -11.90
C HIS A 245 -4.90 -10.42 -11.59
N LYS A 246 -5.25 -10.12 -10.35
CA LYS A 246 -6.69 -9.89 -9.89
C LYS A 246 -7.31 -8.83 -10.81
N HIS A 247 -6.61 -7.74 -10.98
CA HIS A 247 -7.06 -6.69 -11.91
C HIS A 247 -7.28 -7.11 -13.30
N MET A 248 -6.31 -7.79 -13.89
CA MET A 248 -6.46 -8.28 -15.30
C MET A 248 -7.62 -9.29 -15.51
N VAL A 249 -7.73 -10.22 -14.57
CA VAL A 249 -8.89 -11.14 -14.56
C VAL A 249 -10.18 -10.29 -14.52
N ASN A 250 -10.16 -9.14 -13.84
CA ASN A 250 -11.37 -8.35 -13.66
C ASN A 250 -11.61 -7.47 -14.84
N GLY A 251 -10.77 -7.51 -15.87
CA GLY A 251 -11.03 -6.75 -17.04
C GLY A 251 -10.18 -5.49 -17.21
N VAL A 252 -9.09 -5.38 -16.45
CA VAL A 252 -8.18 -4.25 -16.56
C VAL A 252 -6.90 -4.63 -17.46
N SER A 253 -6.64 -3.81 -18.47
CA SER A 253 -5.44 -4.00 -19.33
C SER A 253 -4.15 -3.44 -18.71
N PHE A 254 -3.09 -4.23 -18.76
CA PHE A 254 -1.77 -3.74 -18.31
C PHE A 254 -0.77 -3.84 -19.46
N VAL A 255 -0.18 -2.74 -19.87
CA VAL A 255 0.99 -2.84 -20.80
C VAL A 255 2.08 -3.76 -20.17
N ASN A 256 2.26 -3.61 -18.86
CA ASN A 256 3.38 -4.35 -18.15
C ASN A 256 3.02 -4.52 -16.66
N PRO A 257 2.26 -5.56 -16.39
CA PRO A 257 1.86 -5.77 -14.99
C PRO A 257 3.02 -6.16 -14.03
N GLU A 258 4.20 -6.49 -14.55
CA GLU A 258 5.39 -6.72 -13.67
C GLU A 258 6.07 -5.41 -13.28
N ALA A 259 5.62 -4.29 -13.83
CA ALA A 259 6.27 -2.98 -13.63
C ALA A 259 5.18 -1.93 -13.52
N THR A 260 4.14 -2.29 -12.76
CA THR A 260 3.03 -1.36 -12.53
C THR A 260 2.74 -1.52 -11.01
N TYR A 261 2.51 -0.43 -10.30
CA TYR A 261 2.67 -0.39 -8.77
C TYR A 261 1.33 0.06 -8.16
N ILE A 262 0.49 -0.93 -7.89
CA ILE A 262 -0.85 -0.69 -7.38
C ILE A 262 -1.00 -1.33 -5.97
N ASP A 263 -1.40 -0.51 -5.02
CA ASP A 263 -1.55 -0.94 -3.60
C ASP A 263 -2.69 -1.88 -3.42
N ILE A 264 -2.65 -2.65 -2.32
CA ILE A 264 -3.49 -3.77 -2.08
C ILE A 264 -4.93 -3.36 -2.06
N ASP A 265 -5.27 -2.15 -1.66
CA ASP A 265 -6.74 -1.92 -1.55
C ASP A 265 -7.24 -0.99 -2.66
N VAL A 266 -6.40 -0.72 -3.67
CA VAL A 266 -6.89 0.10 -4.81
C VAL A 266 -8.02 -0.65 -5.56
N GLU A 267 -9.08 0.07 -5.98
CA GLU A 267 -10.21 -0.50 -6.79
C GLU A 267 -10.23 0.00 -8.20
N ILE A 268 -10.40 -0.93 -9.16
CA ILE A 268 -10.24 -0.53 -10.54
C ILE A 268 -11.37 -1.20 -11.33
N ALA A 269 -12.20 -0.39 -12.01
CA ALA A 269 -13.36 -0.93 -12.74
C ALA A 269 -12.88 -1.65 -14.03
N PRO A 270 -13.75 -2.53 -14.60
CA PRO A 270 -13.35 -3.19 -15.80
C PRO A 270 -13.09 -2.17 -16.91
N GLU A 271 -12.30 -2.60 -17.89
CA GLU A 271 -11.98 -1.86 -19.11
C GLU A 271 -11.06 -0.64 -18.92
N VAL A 272 -10.56 -0.43 -17.71
CA VAL A 272 -9.48 0.53 -17.47
C VAL A 272 -8.24 0.01 -18.21
N GLN A 273 -7.47 0.96 -18.75
CA GLN A 273 -6.27 0.60 -19.47
C GLN A 273 -5.12 1.29 -18.75
N ILE A 274 -4.13 0.47 -18.36
CA ILE A 274 -3.03 1.05 -17.54
C ILE A 274 -1.69 0.77 -18.26
N GLU A 275 -0.92 1.86 -18.54
CA GLU A 275 0.38 1.70 -19.22
C GLU A 275 1.40 1.23 -18.18
N ALA A 276 2.65 0.95 -18.57
CA ALA A 276 3.63 0.46 -17.57
C ALA A 276 3.90 1.62 -16.57
N ASN A 277 4.46 1.35 -15.40
CA ASN A 277 5.03 2.41 -14.58
C ASN A 277 3.99 3.44 -14.12
N VAL A 278 2.79 2.94 -13.83
CA VAL A 278 1.79 3.74 -13.19
C VAL A 278 1.74 3.29 -11.68
N ILE A 279 1.48 4.28 -10.80
CA ILE A 279 1.52 4.10 -9.39
C ILE A 279 0.15 4.56 -8.84
N LEU A 280 -0.53 3.61 -8.16
CA LEU A 280 -1.81 3.88 -7.54
C LEU A 280 -1.69 3.44 -6.10
N LYS A 281 -1.95 4.38 -5.19
CA LYS A 281 -1.59 4.20 -3.76
C LYS A 281 -2.79 4.49 -2.87
N GLY A 282 -2.94 3.68 -1.80
CA GLY A 282 -3.92 4.00 -0.71
C GLY A 282 -5.35 3.79 -1.18
N GLN A 283 -6.28 4.67 -0.78
CA GLN A 283 -7.72 4.43 -1.00
C GLN A 283 -8.13 5.05 -2.36
N THR A 284 -7.55 4.53 -3.44
CA THR A 284 -7.78 5.08 -4.71
C THR A 284 -8.78 4.13 -5.41
N LYS A 285 -9.62 4.72 -6.26
CA LYS A 285 -10.64 4.06 -7.07
C LYS A 285 -10.57 4.64 -8.46
N ILE A 286 -10.63 3.77 -9.45
CA ILE A 286 -10.55 4.17 -10.85
C ILE A 286 -11.76 3.66 -11.56
N GLY A 287 -12.50 4.59 -12.20
CA GLY A 287 -13.83 4.24 -12.80
C GLY A 287 -13.64 3.64 -14.23
N ALA A 288 -14.74 3.13 -14.81
CA ALA A 288 -14.69 2.25 -16.02
C ALA A 288 -14.07 3.01 -17.18
N GLU A 289 -13.27 2.27 -17.98
CA GLU A 289 -12.70 2.74 -19.27
C GLU A 289 -11.69 3.87 -19.11
N THR A 290 -11.31 4.22 -17.91
CA THR A 290 -10.37 5.31 -17.73
C THR A 290 -8.98 4.86 -18.17
N VAL A 291 -8.21 5.79 -18.69
CA VAL A 291 -6.89 5.43 -19.22
C VAL A 291 -5.83 6.09 -18.33
N LEU A 292 -4.82 5.32 -17.91
CA LEU A 292 -3.76 5.90 -17.06
C LEU A 292 -2.45 5.69 -17.80
N THR A 293 -1.76 6.77 -18.13
CA THR A 293 -0.61 6.62 -19.00
C THR A 293 0.67 6.56 -18.08
N ASN A 294 1.77 6.07 -18.67
CA ASN A 294 3.08 5.87 -17.97
C ASN A 294 3.54 7.12 -17.16
N GLY A 295 3.85 6.92 -15.87
CA GLY A 295 4.26 8.03 -15.01
C GLY A 295 3.16 8.57 -14.09
N THR A 296 1.93 8.24 -14.38
CA THR A 296 0.83 8.71 -13.62
C THR A 296 0.91 8.13 -12.16
N TYR A 297 0.60 8.99 -11.17
CA TYR A 297 0.82 8.65 -9.76
C TYR A 297 -0.43 9.16 -8.99
N VAL A 298 -1.26 8.25 -8.46
CA VAL A 298 -2.50 8.70 -7.78
C VAL A 298 -2.46 8.14 -6.36
N VAL A 299 -2.80 8.97 -5.39
CA VAL A 299 -2.78 8.56 -3.98
C VAL A 299 -4.08 8.96 -3.38
N ASP A 300 -4.76 8.01 -2.72
CA ASP A 300 -6.00 8.36 -2.00
C ASP A 300 -6.96 9.29 -2.79
N SER A 301 -7.25 8.95 -4.03
CA SER A 301 -8.11 9.80 -4.84
C SER A 301 -9.18 8.94 -5.55
N THR A 302 -10.30 9.56 -5.90
CA THR A 302 -11.26 8.88 -6.73
C THR A 302 -11.24 9.46 -8.12
N ILE A 303 -11.15 8.56 -9.11
CA ILE A 303 -11.17 8.98 -10.51
C ILE A 303 -12.38 8.35 -11.19
N GLY A 304 -13.20 9.18 -11.85
CA GLY A 304 -14.42 8.64 -12.51
C GLY A 304 -14.15 7.80 -13.78
N ALA A 305 -15.26 7.59 -14.56
CA ALA A 305 -15.30 6.73 -15.77
C ALA A 305 -14.84 7.58 -16.96
N GLY A 306 -14.22 6.94 -17.95
CA GLY A 306 -13.90 7.61 -19.24
C GLY A 306 -12.92 8.81 -19.08
N ALA A 307 -12.10 8.82 -18.02
CA ALA A 307 -11.11 9.89 -17.82
C ALA A 307 -9.80 9.49 -18.51
N VAL A 308 -8.88 10.46 -18.71
CA VAL A 308 -7.58 10.14 -19.31
C VAL A 308 -6.58 10.90 -18.49
N ILE A 309 -5.77 10.14 -17.72
CA ILE A 309 -4.79 10.76 -16.82
C ILE A 309 -3.43 10.48 -17.44
N THR A 310 -2.86 11.54 -17.99
CA THR A 310 -1.63 11.44 -18.80
C THR A 310 -0.49 11.97 -17.88
N ASN A 311 0.36 11.02 -17.46
CA ASN A 311 1.65 11.30 -16.76
C ASN A 311 1.46 12.49 -15.78
N SER A 312 0.65 12.29 -14.77
CA SER A 312 0.30 13.38 -13.86
C SER A 312 0.12 12.79 -12.47
N MET A 313 0.26 13.67 -11.47
CA MET A 313 0.24 13.21 -10.07
C MET A 313 -1.00 13.84 -9.41
N ILE A 314 -1.81 12.98 -8.80
CA ILE A 314 -3.08 13.38 -8.19
C ILE A 314 -3.13 12.81 -6.80
N GLU A 315 -3.47 13.70 -5.86
CA GLU A 315 -3.37 13.43 -4.42
C GLU A 315 -4.63 13.91 -3.68
N GLU A 316 -5.25 12.98 -2.94
CA GLU A 316 -6.37 13.30 -2.02
C GLU A 316 -7.46 14.17 -2.70
N SER A 317 -7.90 13.76 -3.86
CA SER A 317 -8.77 14.61 -4.66
C SER A 317 -9.78 13.78 -5.37
N SER A 318 -10.79 14.45 -5.94
CA SER A 318 -11.79 13.71 -6.68
C SER A 318 -11.78 14.25 -8.11
N VAL A 319 -11.85 13.30 -9.02
CA VAL A 319 -11.89 13.57 -10.41
C VAL A 319 -13.12 12.94 -11.05
N ALA A 320 -13.99 13.78 -11.64
CA ALA A 320 -15.32 13.27 -12.09
C ALA A 320 -15.11 12.52 -13.48
N ASP A 321 -16.21 12.07 -14.12
CA ASP A 321 -16.14 11.38 -15.40
C ASP A 321 -15.59 12.27 -16.50
N GLY A 322 -14.92 11.62 -17.44
CA GLY A 322 -14.49 12.25 -18.68
C GLY A 322 -13.40 13.34 -18.49
N VAL A 323 -12.86 13.52 -17.28
CA VAL A 323 -11.80 14.51 -17.14
C VAL A 323 -10.45 14.16 -17.87
N THR A 324 -9.73 15.16 -18.41
CA THR A 324 -8.43 14.89 -18.99
C THR A 324 -7.43 15.75 -18.21
N VAL A 325 -6.35 15.09 -17.71
CA VAL A 325 -5.32 15.73 -16.93
C VAL A 325 -3.97 15.35 -17.58
N GLY A 326 -3.12 16.36 -17.80
CA GLY A 326 -1.70 16.11 -18.15
C GLY A 326 -1.43 16.42 -19.66
N PRO A 327 -0.19 16.13 -20.13
CA PRO A 327 0.92 15.50 -19.38
C PRO A 327 1.58 16.48 -18.33
N TYR A 328 2.17 15.93 -17.31
CA TYR A 328 2.95 16.76 -16.32
C TYR A 328 2.05 17.77 -15.59
N ALA A 329 0.89 17.31 -15.09
CA ALA A 329 0.08 18.23 -14.26
C ALA A 329 0.08 17.68 -12.82
N HIS A 330 -0.36 18.51 -11.87
CA HIS A 330 -0.28 18.11 -10.46
C HIS A 330 -1.56 18.55 -9.75
N ILE A 331 -2.37 17.57 -9.39
CA ILE A 331 -3.61 17.85 -8.70
C ILE A 331 -3.33 17.54 -7.22
N ARG A 332 -3.25 18.62 -6.43
CA ARG A 332 -2.76 18.53 -4.99
C ARG A 332 -3.94 18.32 -4.01
N PRO A 333 -3.67 18.14 -2.69
CA PRO A 333 -4.83 17.71 -1.91
C PRO A 333 -6.09 18.60 -1.91
N ASN A 334 -7.23 17.95 -1.69
CA ASN A 334 -8.54 18.62 -1.54
C ASN A 334 -8.95 19.40 -2.81
N SER A 335 -8.62 18.87 -3.99
CA SER A 335 -9.13 19.44 -5.21
C SER A 335 -10.33 18.59 -5.72
N SER A 336 -11.27 19.21 -6.43
CA SER A 336 -12.30 18.46 -7.11
C SER A 336 -12.39 18.98 -8.53
N LEU A 337 -12.24 18.04 -9.47
CA LEU A 337 -12.28 18.38 -10.94
C LEU A 337 -13.66 17.86 -11.43
N GLY A 338 -14.55 18.78 -11.84
CA GLY A 338 -15.95 18.41 -12.21
C GLY A 338 -15.91 17.71 -13.59
N ALA A 339 -17.07 17.19 -14.04
CA ALA A 339 -17.14 16.35 -15.29
C ALA A 339 -16.53 17.10 -16.48
N GLN A 340 -15.77 16.38 -17.34
CA GLN A 340 -15.18 16.92 -18.57
C GLN A 340 -14.15 18.07 -18.41
N VAL A 341 -13.76 18.38 -17.18
CA VAL A 341 -12.73 19.38 -17.01
C VAL A 341 -11.45 18.96 -17.80
N HIS A 342 -10.68 19.97 -18.22
CA HIS A 342 -9.39 19.72 -18.81
C HIS A 342 -8.32 20.48 -18.11
N ILE A 343 -7.29 19.73 -17.64
CA ILE A 343 -6.14 20.30 -17.00
C ILE A 343 -4.92 19.82 -17.86
N GLY A 344 -4.19 20.76 -18.48
CA GLY A 344 -3.14 20.38 -19.50
C GLY A 344 -1.77 20.41 -18.83
N ASN A 345 -0.70 20.61 -19.65
CA ASN A 345 0.64 20.51 -19.13
C ASN A 345 1.10 21.65 -18.16
N PHE A 346 1.86 21.29 -17.10
CA PHE A 346 2.51 22.25 -16.18
C PHE A 346 1.44 23.07 -15.47
N VAL A 347 0.32 22.41 -15.18
CA VAL A 347 -0.69 23.05 -14.44
C VAL A 347 -0.86 22.40 -13.02
N GLU A 348 -0.94 23.24 -12.01
CA GLU A 348 -1.14 22.76 -10.65
C GLU A 348 -2.51 23.22 -10.13
N VAL A 349 -3.27 22.27 -9.57
CA VAL A 349 -4.53 22.58 -8.92
C VAL A 349 -4.33 22.25 -7.44
N LYS A 350 -4.65 23.21 -6.59
CA LYS A 350 -4.46 22.93 -5.10
C LYS A 350 -5.70 23.40 -4.34
N GLY A 351 -6.34 22.54 -3.58
CA GLY A 351 -7.37 23.05 -2.64
C GLY A 351 -8.53 23.77 -3.33
N SER A 352 -8.89 23.32 -4.54
CA SER A 352 -9.81 24.10 -5.39
C SER A 352 -10.90 23.18 -5.94
N SER A 353 -12.11 23.73 -6.12
CA SER A 353 -13.17 23.02 -6.79
C SER A 353 -13.34 23.64 -8.17
N ILE A 354 -13.32 22.77 -9.15
CA ILE A 354 -13.33 23.26 -10.50
C ILE A 354 -14.58 22.70 -11.18
N GLY A 355 -15.48 23.60 -11.65
CA GLY A 355 -16.82 23.19 -12.18
C GLY A 355 -16.76 22.54 -13.57
N GLU A 356 -17.83 21.82 -13.98
CA GLU A 356 -17.84 21.05 -15.27
C GLU A 356 -17.34 21.85 -16.50
N ASN A 357 -16.65 21.14 -17.41
CA ASN A 357 -16.17 21.67 -18.71
C ASN A 357 -15.13 22.80 -18.58
N THR A 358 -14.79 23.22 -17.34
CA THR A 358 -13.75 24.27 -17.28
C THR A 358 -12.37 23.80 -17.86
N LYS A 359 -11.57 24.70 -18.46
CA LYS A 359 -10.26 24.32 -18.99
C LYS A 359 -9.14 25.19 -18.48
N ALA A 360 -8.03 24.51 -18.12
CA ALA A 360 -6.80 25.18 -17.78
C ALA A 360 -5.70 24.32 -18.45
N GLY A 361 -5.34 24.70 -19.69
CA GLY A 361 -4.41 23.86 -20.46
C GLY A 361 -2.98 24.09 -20.22
N HIS A 362 -2.55 25.19 -19.58
CA HIS A 362 -1.10 25.39 -19.55
C HIS A 362 -0.52 26.32 -18.48
N LEU A 363 0.53 25.87 -17.77
CA LEU A 363 1.45 26.82 -17.06
C LEU A 363 0.68 27.69 -16.10
N THR A 364 -0.23 27.03 -15.35
CA THR A 364 -1.23 27.74 -14.57
C THR A 364 -1.21 27.22 -13.13
N TYR A 365 -1.43 28.11 -12.20
CA TYR A 365 -1.60 27.65 -10.78
C TYR A 365 -2.93 28.14 -10.29
N ILE A 366 -3.80 27.18 -9.92
CA ILE A 366 -5.11 27.44 -9.31
C ILE A 366 -5.06 26.90 -7.88
N GLY A 367 -5.04 27.86 -6.94
CA GLY A 367 -4.80 27.60 -5.48
C GLY A 367 -5.97 28.19 -4.73
N ASN A 368 -6.68 27.35 -3.96
CA ASN A 368 -7.69 27.89 -2.99
C ASN A 368 -8.78 28.72 -3.72
N CYS A 369 -9.27 28.14 -4.84
CA CYS A 369 -10.29 28.82 -5.65
C CYS A 369 -11.57 27.96 -5.68
N GLU A 370 -12.69 28.65 -5.75
CA GLU A 370 -13.95 28.02 -6.10
C GLU A 370 -14.25 28.50 -7.51
N VAL A 371 -14.27 27.54 -8.45
CA VAL A 371 -14.32 27.84 -9.89
C VAL A 371 -15.60 27.26 -10.47
N GLY A 372 -16.37 28.12 -11.15
CA GLY A 372 -17.65 27.66 -11.80
C GLY A 372 -17.44 26.80 -13.07
N SER A 373 -18.52 26.59 -13.83
CA SER A 373 -18.49 25.71 -15.03
C SER A 373 -18.11 26.50 -16.30
N ASN A 374 -17.50 25.82 -17.30
CA ASN A 374 -17.18 26.46 -18.58
C ASN A 374 -16.28 27.71 -18.44
N VAL A 375 -15.44 27.68 -17.42
CA VAL A 375 -14.42 28.67 -17.26
C VAL A 375 -13.22 28.33 -18.13
N ASN A 376 -12.51 29.39 -18.56
CA ASN A 376 -11.29 29.24 -19.41
C ASN A 376 -10.16 30.01 -18.74
N PHE A 377 -9.00 29.33 -18.57
CA PHE A 377 -7.76 29.99 -18.00
C PHE A 377 -6.75 29.99 -19.13
N GLY A 378 -6.30 31.18 -19.51
CA GLY A 378 -5.24 31.25 -20.57
C GLY A 378 -3.95 30.69 -19.97
N ALA A 379 -3.01 30.31 -20.83
CA ALA A 379 -1.69 29.79 -20.43
C ALA A 379 -1.07 30.84 -19.53
N GLY A 380 -0.48 30.38 -18.45
CA GLY A 380 0.39 31.30 -17.57
C GLY A 380 -0.41 32.01 -16.47
N THR A 381 -1.68 31.63 -16.25
CA THR A 381 -2.50 32.31 -15.30
C THR A 381 -2.05 31.88 -13.90
N ILE A 382 -1.81 32.88 -13.04
CA ILE A 382 -1.41 32.63 -11.66
C ILE A 382 -2.47 33.18 -10.66
N THR A 383 -3.07 32.30 -9.86
CA THR A 383 -3.87 32.74 -8.71
C THR A 383 -2.94 32.93 -7.51
N VAL A 384 -3.26 33.91 -6.65
CA VAL A 384 -2.40 34.29 -5.53
C VAL A 384 -3.26 34.36 -4.24
N ASN A 385 -2.89 33.52 -3.29
CA ASN A 385 -3.71 33.27 -2.14
C ASN A 385 -2.96 33.55 -0.84
N TYR A 386 -1.61 33.59 -0.84
CA TYR A 386 -0.86 33.66 0.42
C TYR A 386 0.01 34.94 0.50
N ASP A 387 -0.19 35.77 1.54
CA ASP A 387 0.57 37.02 1.68
C ASP A 387 1.74 36.91 2.65
N GLY A 388 2.06 35.73 3.15
CA GLY A 388 3.07 35.71 4.26
C GLY A 388 2.41 35.30 5.58
N LYS A 389 1.10 35.56 5.70
CA LYS A 389 0.33 35.15 6.86
C LYS A 389 -1.04 34.59 6.48
N ASN A 390 -1.87 35.39 5.85
CA ASN A 390 -3.23 35.01 5.47
C ASN A 390 -3.25 34.11 4.21
N LYS A 391 -4.25 33.23 4.13
CA LYS A 391 -4.51 32.40 2.95
C LYS A 391 -5.92 32.82 2.55
N TYR A 392 -6.05 33.43 1.37
CA TYR A 392 -7.32 33.97 0.94
C TYR A 392 -7.98 33.07 -0.07
N LYS A 393 -9.30 33.19 -0.21
CA LYS A 393 -10.01 32.49 -1.29
C LYS A 393 -10.36 33.37 -2.49
N THR A 394 -10.38 32.78 -3.68
CA THR A 394 -10.88 33.49 -4.85
C THR A 394 -12.10 32.74 -5.35
N VAL A 395 -13.15 33.50 -5.71
CA VAL A 395 -14.42 33.01 -6.28
C VAL A 395 -14.46 33.42 -7.74
N ILE A 396 -14.60 32.40 -8.60
CA ILE A 396 -14.67 32.64 -10.07
C ILE A 396 -16.00 32.02 -10.53
N GLY A 397 -16.90 32.88 -11.09
CA GLY A 397 -18.27 32.45 -11.51
C GLY A 397 -18.24 31.59 -12.81
N ASP A 398 -19.40 31.28 -13.39
CA ASP A 398 -19.43 30.44 -14.58
C ASP A 398 -18.92 31.25 -15.81
N ASN A 399 -18.36 30.57 -16.83
CA ASN A 399 -18.05 31.18 -18.13
C ASN A 399 -17.13 32.42 -18.04
N VAL A 400 -16.39 32.55 -16.93
CA VAL A 400 -15.22 33.46 -16.83
C VAL A 400 -14.10 33.14 -17.85
N PHE A 401 -13.58 34.20 -18.44
CA PHE A 401 -12.48 34.08 -19.37
C PHE A 401 -11.31 34.80 -18.77
N VAL A 402 -10.38 34.01 -18.29
CA VAL A 402 -9.15 34.58 -17.65
C VAL A 402 -8.04 34.62 -18.71
N GLY A 403 -7.67 35.84 -19.12
CA GLY A 403 -6.64 36.04 -20.16
C GLY A 403 -5.27 35.47 -19.69
N SER A 404 -4.46 35.00 -20.62
CA SER A 404 -3.18 34.39 -20.44
C SER A 404 -2.23 35.35 -19.66
N ASN A 405 -1.49 34.70 -18.77
CA ASN A 405 -0.40 35.37 -18.02
C ASN A 405 -0.91 36.49 -17.10
N SER A 406 -2.16 36.33 -16.60
CA SER A 406 -2.82 37.19 -15.62
C SER A 406 -2.47 36.72 -14.28
N THR A 407 -2.44 37.67 -13.34
CA THR A 407 -2.15 37.40 -11.94
C THR A 407 -3.36 37.80 -11.10
N ILE A 408 -4.01 36.81 -10.48
CA ILE A 408 -5.32 37.04 -9.76
C ILE A 408 -5.06 37.02 -8.22
N ILE A 409 -5.18 38.19 -7.59
CA ILE A 409 -4.72 38.30 -6.22
C ILE A 409 -5.96 38.17 -5.28
N ALA A 410 -6.09 37.03 -4.61
CA ALA A 410 -7.16 36.80 -3.64
C ALA A 410 -7.06 37.76 -2.38
N PRO A 411 -8.19 38.17 -1.80
CA PRO A 411 -9.51 37.67 -2.09
C PRO A 411 -10.16 38.59 -3.15
N VAL A 412 -10.60 37.98 -4.23
CA VAL A 412 -11.22 38.75 -5.30
C VAL A 412 -12.20 37.82 -5.89
N GLU A 413 -13.25 38.43 -6.43
CA GLU A 413 -14.28 37.69 -7.05
C GLU A 413 -14.32 38.12 -8.53
N LEU A 414 -14.33 37.11 -9.38
CA LEU A 414 -14.63 37.35 -10.77
C LEU A 414 -16.09 36.90 -10.98
N GLY A 415 -17.01 37.83 -11.31
CA GLY A 415 -18.46 37.48 -11.51
C GLY A 415 -18.68 36.69 -12.84
N ASP A 416 -19.84 36.01 -12.95
CA ASP A 416 -20.16 35.22 -14.15
C ASP A 416 -19.86 36.01 -15.45
N ASN A 417 -19.27 35.31 -16.44
CA ASN A 417 -19.08 35.77 -17.80
C ASN A 417 -18.06 36.90 -17.85
N SER A 418 -17.42 37.29 -16.74
CA SER A 418 -16.45 38.37 -16.83
C SER A 418 -15.17 37.96 -17.59
N LEU A 419 -14.35 38.97 -17.92
CA LEU A 419 -13.10 38.61 -18.58
C LEU A 419 -12.03 39.44 -17.92
N VAL A 420 -10.86 38.79 -17.80
CA VAL A 420 -9.64 39.41 -17.32
C VAL A 420 -8.71 39.52 -18.47
N GLY A 421 -8.25 40.74 -18.78
CA GLY A 421 -7.39 40.96 -19.98
C GLY A 421 -6.03 40.19 -19.84
N ALA A 422 -5.50 39.58 -20.92
CA ALA A 422 -4.24 38.89 -20.88
C ALA A 422 -3.15 39.80 -20.28
N GLY A 423 -2.29 39.25 -19.43
CA GLY A 423 -1.22 40.05 -18.82
C GLY A 423 -1.55 40.98 -17.65
N SER A 424 -2.83 40.95 -17.20
CA SER A 424 -3.37 41.85 -16.16
C SER A 424 -3.01 41.43 -14.79
N THR A 425 -2.75 42.39 -13.93
CA THR A 425 -2.68 42.07 -12.50
C THR A 425 -4.06 42.50 -11.90
N ILE A 426 -4.78 41.55 -11.33
CA ILE A 426 -6.14 41.81 -10.84
C ILE A 426 -6.05 41.92 -9.30
N THR A 427 -6.36 43.14 -8.80
CA THR A 427 -6.32 43.44 -7.37
C THR A 427 -7.72 43.69 -6.83
N LYS A 428 -8.79 43.71 -7.66
CA LYS A 428 -10.11 43.96 -7.01
C LYS A 428 -11.18 43.24 -7.77
N ASP A 429 -12.36 43.15 -7.22
CA ASP A 429 -13.43 42.34 -7.83
C ASP A 429 -13.78 42.82 -9.21
N VAL A 430 -14.23 41.87 -10.03
CA VAL A 430 -14.70 42.15 -11.36
C VAL A 430 -16.18 41.73 -11.43
N PRO A 431 -17.15 42.68 -11.65
CA PRO A 431 -18.63 42.33 -11.59
C PRO A 431 -18.96 41.34 -12.75
N ALA A 432 -20.09 40.61 -12.68
CA ALA A 432 -20.48 39.75 -13.77
C ALA A 432 -20.61 40.62 -15.07
N ASP A 433 -20.20 40.06 -16.22
CA ASP A 433 -20.37 40.68 -17.52
C ASP A 433 -19.43 41.88 -17.77
N ALA A 434 -18.56 42.13 -16.80
CA ALA A 434 -17.58 43.17 -16.97
C ALA A 434 -16.25 42.63 -17.53
N ILE A 435 -15.44 43.55 -18.05
CA ILE A 435 -14.01 43.24 -18.30
C ILE A 435 -13.15 44.04 -17.35
N ALA A 436 -11.92 43.54 -17.15
CA ALA A 436 -10.96 44.13 -16.29
C ALA A 436 -9.58 44.05 -16.98
N ILE A 437 -8.91 45.21 -17.10
CA ILE A 437 -7.65 45.26 -17.79
C ILE A 437 -6.68 45.99 -16.90
N GLY A 438 -5.52 45.35 -16.60
CA GLY A 438 -4.59 45.94 -15.70
C GLY A 438 -3.15 45.70 -16.16
N ARG A 439 -2.71 46.45 -17.17
CA ARG A 439 -1.41 46.19 -17.86
C ARG A 439 -0.86 47.48 -18.56
N GLY A 440 0.44 47.58 -18.85
CA GLY A 440 1.00 48.85 -19.40
C GLY A 440 0.91 48.79 -20.91
N ARG A 441 0.79 49.92 -21.62
CA ARG A 441 0.45 49.82 -22.99
C ARG A 441 1.73 49.76 -23.79
N GLN A 442 1.64 49.18 -24.98
CA GLN A 442 2.87 48.82 -25.65
C GLN A 442 3.32 50.05 -26.36
N ILE A 443 4.60 50.39 -26.25
CA ILE A 443 5.20 51.51 -26.98
C ILE A 443 6.31 50.86 -27.75
N ASN A 444 6.32 51.03 -29.07
CA ASN A 444 7.43 50.66 -29.95
C ASN A 444 8.44 51.79 -30.14
N LYS A 445 9.73 51.43 -30.24
CA LYS A 445 10.73 52.39 -30.76
C LYS A 445 11.47 51.77 -31.94
N ASP A 446 11.26 52.33 -33.14
CA ASP A 446 11.85 51.85 -34.37
C ASP A 446 13.36 51.95 -34.32
N GLU A 447 14.02 50.97 -34.93
CA GLU A 447 15.45 50.96 -35.13
C GLU A 447 16.30 50.62 -33.93
N TYR A 448 15.74 50.74 -32.74
CA TYR A 448 16.57 50.65 -31.54
C TYR A 448 17.19 49.25 -31.34
N ALA A 449 16.59 48.18 -31.88
CA ALA A 449 17.22 46.80 -31.62
C ALA A 449 18.64 46.69 -32.14
N THR A 450 18.93 47.54 -33.11
CA THR A 450 20.19 47.64 -33.73
C THR A 450 21.31 47.90 -32.72
N ARG A 451 21.02 48.54 -31.59
CA ARG A 451 22.16 48.64 -30.68
C ARG A 451 22.19 47.59 -29.58
N LEU A 452 21.33 46.59 -29.68
CA LEU A 452 21.22 45.59 -28.66
C LEU A 452 21.99 44.31 -28.95
N PRO A 453 22.43 43.62 -27.90
CA PRO A 453 23.28 42.44 -28.11
C PRO A 453 22.66 41.30 -28.96
N HIS A 454 21.33 41.16 -29.04
CA HIS A 454 20.77 40.01 -29.82
C HIS A 454 20.84 40.32 -31.27
N HIS A 455 21.05 41.57 -31.66
CA HIS A 455 20.96 41.87 -33.09
C HIS A 455 21.97 41.04 -33.90
N PRO A 456 21.57 40.47 -35.03
CA PRO A 456 22.51 39.72 -35.88
C PRO A 456 23.82 40.50 -36.14
N LYS A 457 23.75 41.79 -36.38
CA LYS A 457 25.00 42.51 -36.71
C LYS A 457 26.00 42.60 -35.52
N ASN A 458 25.51 42.41 -34.30
CA ASN A 458 26.34 42.51 -33.13
C ASN A 458 26.75 41.16 -32.71
N GLN A 459 26.54 40.19 -33.62
CA GLN A 459 26.58 38.74 -33.36
C GLN A 459 27.78 38.06 -33.99
C1 R83 B . -2.68 37.30 -1.11
O2 R83 B . -1.23 37.27 -1.35
C3 R83 B . -0.70 38.47 -1.83
C4 R83 B . -1.37 39.69 -1.72
C5 R83 B . -0.79 40.82 -2.20
O6 R83 B . -1.44 42.04 -2.20
C7 R83 B . -2.71 42.06 -1.44
C8 R83 B . 0.48 40.74 -2.83
C9 R83 B . 1.18 39.54 -2.88
C10 R83 B . 0.61 38.41 -2.36
N11 R83 B . 1.19 37.12 -2.39
C12 R83 B . 2.01 36.61 -3.36
O13 R83 B . 2.45 37.38 -4.24
C14 R83 B . 2.45 35.15 -3.18
S15 R83 B . 1.26 42.16 -3.44
O16 R83 B . 0.44 42.85 -4.33
O17 R83 B . 2.58 41.74 -3.76
N18 R83 B . 1.44 43.26 -2.14
C19 R83 B . 2.08 42.88 -0.86
C20 R83 B . 1.03 42.92 0.24
C21 R83 B . 1.08 41.89 1.20
C22 R83 B . 0.11 41.90 2.21
C23 R83 B . -0.86 42.91 2.29
C24 R83 B . -0.88 43.97 1.37
C25 R83 B . 0.07 43.98 0.34
N26 R83 B . 0.08 45.03 -0.59
C27 R83 B . -1.15 45.83 -0.71
C28 R83 B . -1.01 46.83 -1.91
C29 R83 B . 0.32 47.60 -1.90
C30 R83 B . 1.54 46.75 -1.43
C31 R83 B . 1.14 45.95 -0.18
S SO4 C . 4.22 33.51 -16.17
O1 SO4 C . 2.97 32.89 -15.53
O2 SO4 C . 4.42 33.08 -17.63
O3 SO4 C . 5.48 33.32 -15.31
O4 SO4 C . 3.96 34.94 -16.20
#